data_1N2J
#
_entry.id   1N2J
#
_cell.length_a   48.050
_cell.length_b   70.692
_cell.length_c   81.586
_cell.angle_alpha   90.00
_cell.angle_beta   99.10
_cell.angle_gamma   90.00
#
_symmetry.space_group_name_H-M   'P 1 21 1'
#
loop_
_entity.id
_entity.type
_entity.pdbx_description
1 polymer 'pantothenate synthetase'
2 non-polymer 'SULFATE ION'
3 non-polymer PANTOATE
4 non-polymer BETA-ALANINE
5 non-polymer GLYCEROL
6 non-polymer ETHANOL
7 water water
#
_entity_poly.entity_id   1
_entity_poly.type   'polypeptide(L)'
_entity_poly.pdbx_seq_one_letter_code
;MAIPAFHPGELNVYSAPGDVADVSRALRLTGRRVMLVPTMGALHEGHLALVRAAKRVPGSVVVVSIFVNPMQFGAGGDLD
AYPRTPDDDLAQLRAEGVEIAFTPTTAAMYPDGLRTTVQPGPLAAELEGGPRPTHFAGVLTVVLKLLQIVRPDRVFFGEK
DYQQLVLIRQLVADFNLDVAVVGVPTVREADGLAMSSRNRYLDPAQRAAAVALSAALTAAAHAATAGAQAALDAARAVLD
AAPGVAVDYLELRDIGLGPMPLNGSGRLLVAARLGTTRLLDNIAIEIGTFAGTDRPDGYR
;
_entity_poly.pdbx_strand_id   A,B
#
loop_
_chem_comp.id
_chem_comp.type
_chem_comp.name
_chem_comp.formula
BAL peptide-like BETA-ALANINE 'C3 H7 N O2'
EOH non-polymer ETHANOL 'C2 H6 O'
GOL non-polymer GLYCEROL 'C3 H8 O3'
PAF non-polymer PANTOATE 'C6 H11 O4 -1'
SO4 non-polymer 'SULFATE ION' 'O4 S -2'
#
# COMPACT_ATOMS: atom_id res chain seq x y z
N ILE A 3 -9.85 -10.72 -22.16
CA ILE A 3 -11.19 -10.66 -21.51
C ILE A 3 -11.90 -12.01 -21.38
N PRO A 4 -12.09 -12.49 -20.14
CA PRO A 4 -12.78 -13.78 -20.03
C PRO A 4 -14.25 -13.57 -20.33
N ALA A 5 -14.98 -14.66 -20.49
CA ALA A 5 -16.42 -14.59 -20.76
C ALA A 5 -17.13 -13.68 -19.78
N PHE A 6 -18.06 -12.88 -20.29
CA PHE A 6 -18.86 -11.99 -19.46
C PHE A 6 -20.26 -11.95 -20.05
N HIS A 7 -21.24 -12.36 -19.24
CA HIS A 7 -22.62 -12.36 -19.67
C HIS A 7 -23.40 -11.29 -18.91
N PRO A 8 -23.83 -10.22 -19.61
CA PRO A 8 -24.59 -9.13 -18.99
C PRO A 8 -25.90 -9.67 -18.42
N GLY A 9 -26.37 -9.06 -17.33
CA GLY A 9 -27.63 -9.51 -16.73
C GLY A 9 -27.59 -10.88 -16.07
N GLU A 10 -26.39 -11.37 -15.79
CA GLU A 10 -26.20 -12.66 -15.13
C GLU A 10 -25.01 -12.54 -14.19
N LEU A 11 -24.93 -13.43 -13.21
CA LEU A 11 -23.80 -13.37 -12.29
C LEU A 11 -22.65 -14.12 -12.90
N ASN A 12 -21.52 -13.42 -13.08
CA ASN A 12 -20.31 -13.99 -13.62
C ASN A 12 -19.37 -14.17 -12.44
N VAL A 13 -18.88 -15.38 -12.28
CA VAL A 13 -17.98 -15.66 -11.16
C VAL A 13 -16.56 -15.87 -11.64
N TYR A 14 -15.62 -15.10 -11.10
CA TYR A 14 -14.24 -15.24 -11.50
C TYR A 14 -13.39 -15.47 -10.26
N SER A 15 -12.49 -16.43 -10.33
CA SER A 15 -11.60 -16.69 -9.20
C SER A 15 -10.22 -16.06 -9.44
N ALA A 16 -9.79 -16.00 -10.69
CA ALA A 16 -8.47 -15.48 -10.99
C ALA A 16 -8.37 -13.97 -10.90
N PRO A 17 -7.41 -13.45 -10.13
CA PRO A 17 -7.33 -11.98 -10.05
C PRO A 17 -7.21 -11.35 -11.44
N GLY A 18 -6.40 -11.95 -12.31
CA GLY A 18 -6.22 -11.42 -13.66
C GLY A 18 -7.54 -11.33 -14.43
N ASP A 19 -8.42 -12.32 -14.25
CA ASP A 19 -9.70 -12.30 -14.93
C ASP A 19 -10.60 -11.13 -14.50
N VAL A 20 -10.76 -10.93 -13.20
CA VAL A 20 -11.63 -9.87 -12.77
C VAL A 20 -10.98 -8.51 -13.11
N ALA A 21 -9.65 -8.44 -13.07
CA ALA A 21 -8.96 -7.18 -13.37
C ALA A 21 -9.18 -6.81 -14.85
N ASP A 22 -9.10 -7.80 -15.72
CA ASP A 22 -9.30 -7.54 -17.16
C ASP A 22 -10.73 -7.14 -17.48
N VAL A 23 -11.69 -7.84 -16.87
CA VAL A 23 -13.09 -7.54 -17.09
C VAL A 23 -13.40 -6.16 -16.57
N SER A 24 -12.90 -5.85 -15.38
CA SER A 24 -13.15 -4.54 -14.77
C SER A 24 -12.60 -3.39 -15.65
N ARG A 25 -11.39 -3.54 -16.11
CA ARG A 25 -10.76 -2.50 -16.93
C ARG A 25 -11.53 -2.33 -18.24
N ALA A 26 -11.95 -3.43 -18.83
CA ALA A 26 -12.70 -3.39 -20.07
C ALA A 26 -14.01 -2.65 -19.85
N LEU A 27 -14.66 -2.89 -18.70
CA LEU A 27 -15.90 -2.20 -18.38
C LEU A 27 -15.63 -0.72 -18.15
N ARG A 28 -14.59 -0.43 -17.37
CA ARG A 28 -14.27 0.95 -17.08
C ARG A 28 -14.02 1.68 -18.42
N LEU A 29 -13.34 1.01 -19.34
CA LEU A 29 -13.04 1.64 -20.63
C LEU A 29 -14.27 1.95 -21.49
N THR A 30 -15.37 1.23 -21.28
CA THR A 30 -16.57 1.50 -22.08
C THR A 30 -17.55 2.42 -21.40
N GLY A 31 -17.14 3.06 -20.31
CA GLY A 31 -18.05 3.97 -19.65
C GLY A 31 -18.78 3.52 -18.40
N ARG A 32 -18.69 2.24 -18.06
CA ARG A 32 -19.37 1.79 -16.86
C ARG A 32 -18.51 2.09 -15.62
N ARG A 33 -19.17 2.46 -14.54
CA ARG A 33 -18.45 2.77 -13.30
C ARG A 33 -18.49 1.50 -12.43
N VAL A 34 -17.30 1.04 -12.04
CA VAL A 34 -17.16 -0.20 -11.26
C VAL A 34 -17.29 0.06 -9.77
N MET A 35 -18.20 -0.65 -9.11
CA MET A 35 -18.44 -0.50 -7.68
C MET A 35 -17.93 -1.77 -7.01
N LEU A 36 -17.21 -1.65 -5.89
CA LEU A 36 -16.69 -2.87 -5.24
C LEU A 36 -17.27 -3.01 -3.86
N VAL A 37 -17.76 -4.20 -3.53
CA VAL A 37 -18.29 -4.47 -2.19
C VAL A 37 -17.45 -5.66 -1.66
N PRO A 38 -16.47 -5.38 -0.79
CA PRO A 38 -15.62 -6.46 -0.25
C PRO A 38 -16.31 -7.18 0.88
N THR A 39 -16.32 -8.50 0.84
CA THR A 39 -16.95 -9.27 1.93
C THR A 39 -16.12 -10.55 2.17
N MET A 40 -16.43 -11.21 3.30
CA MET A 40 -15.83 -12.51 3.58
C MET A 40 -16.95 -13.57 3.47
N GLY A 41 -17.94 -13.31 2.62
CA GLY A 41 -19.00 -14.31 2.47
C GLY A 41 -19.95 -14.41 3.66
N ALA A 42 -20.73 -15.48 3.71
CA ALA A 42 -21.73 -15.67 4.78
C ALA A 42 -22.60 -14.40 4.76
N LEU A 43 -23.12 -14.06 3.58
CA LEU A 43 -23.90 -12.88 3.35
C LEU A 43 -25.27 -12.84 4.02
N HIS A 44 -25.58 -11.66 4.54
CA HIS A 44 -26.87 -11.41 5.19
C HIS A 44 -27.39 -10.06 4.68
N GLU A 45 -28.55 -9.66 5.16
CA GLU A 45 -29.16 -8.43 4.71
C GLU A 45 -28.27 -7.18 4.82
N GLY A 46 -27.35 -7.16 5.77
CA GLY A 46 -26.45 -6.03 5.89
C GLY A 46 -25.57 -5.93 4.65
N HIS A 47 -25.10 -7.07 4.13
CA HIS A 47 -24.28 -7.04 2.92
C HIS A 47 -25.12 -6.64 1.74
N LEU A 48 -26.37 -7.09 1.71
CA LEU A 48 -27.26 -6.76 0.59
C LEU A 48 -27.54 -5.25 0.52
N ALA A 49 -27.51 -4.57 1.66
CA ALA A 49 -27.71 -3.14 1.65
C ALA A 49 -26.47 -2.50 1.01
N LEU A 50 -25.29 -3.08 1.22
CA LEU A 50 -24.10 -2.54 0.57
C LEU A 50 -24.27 -2.73 -0.96
N VAL A 51 -24.70 -3.92 -1.35
CA VAL A 51 -24.90 -4.23 -2.77
C VAL A 51 -25.92 -3.25 -3.37
N ARG A 52 -27.03 -3.04 -2.69
CA ARG A 52 -28.03 -2.13 -3.19
C ARG A 52 -27.52 -0.71 -3.32
N ALA A 53 -26.72 -0.26 -2.36
CA ALA A 53 -26.14 1.09 -2.41
C ALA A 53 -25.25 1.22 -3.65
N ALA A 54 -24.51 0.15 -3.96
CA ALA A 54 -23.62 0.13 -5.12
C ALA A 54 -24.42 0.13 -6.41
N LYS A 55 -25.48 -0.68 -6.45
CA LYS A 55 -26.26 -0.82 -7.67
C LYS A 55 -27.01 0.44 -8.12
N ARG A 56 -27.33 1.32 -7.19
CA ARG A 56 -28.04 2.56 -7.53
C ARG A 56 -27.13 3.65 -8.11
N VAL A 57 -25.81 3.43 -8.11
CA VAL A 57 -24.92 4.46 -8.69
C VAL A 57 -25.13 4.31 -10.21
N PRO A 58 -25.53 5.40 -10.89
CA PRO A 58 -25.79 5.38 -12.34
C PRO A 58 -24.66 4.78 -13.19
N GLY A 59 -25.04 3.88 -14.09
CA GLY A 59 -24.07 3.23 -14.96
C GLY A 59 -23.13 2.29 -14.21
N SER A 60 -23.55 1.84 -13.05
CA SER A 60 -22.67 0.98 -12.26
C SER A 60 -22.64 -0.46 -12.72
N VAL A 61 -21.52 -1.13 -12.44
CA VAL A 61 -21.41 -2.58 -12.62
C VAL A 61 -20.89 -2.96 -11.23
N VAL A 62 -21.56 -3.87 -10.54
CA VAL A 62 -21.17 -4.22 -9.19
C VAL A 62 -20.31 -5.47 -9.09
N VAL A 63 -19.19 -5.35 -8.36
CA VAL A 63 -18.30 -6.45 -8.13
C VAL A 63 -18.37 -6.73 -6.62
N VAL A 64 -18.72 -7.96 -6.26
CA VAL A 64 -18.75 -8.34 -4.86
C VAL A 64 -17.62 -9.34 -4.69
N SER A 65 -16.68 -9.05 -3.80
CA SER A 65 -15.62 -10.02 -3.59
C SER A 65 -16.03 -10.83 -2.36
N ILE A 66 -15.71 -12.13 -2.40
CA ILE A 66 -15.96 -13.07 -1.30
C ILE A 66 -14.60 -13.76 -1.11
N PHE A 67 -13.98 -13.49 0.04
CA PHE A 67 -12.66 -14.05 0.34
C PHE A 67 -12.46 -14.01 1.84
N VAL A 68 -12.33 -15.18 2.47
CA VAL A 68 -12.14 -15.19 3.92
C VAL A 68 -10.65 -15.03 4.06
N ASN A 69 -10.25 -13.79 4.28
CA ASN A 69 -8.84 -13.38 4.32
C ASN A 69 -8.04 -13.94 5.48
N PRO A 70 -7.16 -14.94 5.22
CA PRO A 70 -6.42 -15.47 6.36
C PRO A 70 -5.56 -14.50 7.16
N MET A 71 -5.06 -13.46 6.49
CA MET A 71 -4.14 -12.52 7.17
C MET A 71 -4.76 -11.74 8.33
N GLN A 72 -6.07 -11.51 8.32
CA GLN A 72 -6.69 -10.79 9.42
C GLN A 72 -7.17 -11.69 10.60
N PHE A 73 -6.86 -12.97 10.54
CA PHE A 73 -7.23 -13.85 11.64
C PHE A 73 -5.98 -14.10 12.45
N GLY A 74 -6.15 -14.09 13.76
CA GLY A 74 -5.03 -14.35 14.66
C GLY A 74 -4.57 -15.78 14.56
N ALA A 75 -5.48 -16.72 14.81
CA ALA A 75 -5.12 -18.13 14.76
C ALA A 75 -5.97 -18.96 13.79
N GLY A 76 -5.40 -20.08 13.37
CA GLY A 76 -6.11 -20.97 12.47
C GLY A 76 -7.48 -21.39 13.00
N GLY A 77 -7.66 -21.38 14.33
CA GLY A 77 -8.94 -21.78 14.90
C GLY A 77 -10.07 -20.82 14.53
N ASP A 78 -9.80 -19.53 14.66
CA ASP A 78 -10.77 -18.52 14.29
C ASP A 78 -11.01 -18.57 12.79
N LEU A 79 -9.95 -18.81 12.03
CA LEU A 79 -10.05 -18.86 10.57
C LEU A 79 -10.92 -20.06 10.17
N ASP A 80 -10.64 -21.21 10.77
CA ASP A 80 -11.46 -22.40 10.43
C ASP A 80 -12.90 -22.25 10.91
N ALA A 81 -13.13 -21.49 11.98
CA ALA A 81 -14.46 -21.29 12.54
C ALA A 81 -15.31 -20.28 11.80
N TYR A 82 -14.71 -19.45 10.94
CA TYR A 82 -15.51 -18.44 10.24
C TYR A 82 -16.60 -19.12 9.38
N PRO A 83 -17.82 -18.60 9.45
CA PRO A 83 -18.87 -19.26 8.64
C PRO A 83 -18.67 -19.20 7.13
N ARG A 84 -18.96 -20.30 6.44
CA ARG A 84 -18.85 -20.37 5.01
C ARG A 84 -20.15 -20.94 4.44
N THR A 85 -20.84 -20.14 3.62
CA THR A 85 -22.12 -20.56 3.02
C THR A 85 -22.09 -20.10 1.57
N PRO A 86 -21.12 -20.62 0.80
CA PRO A 86 -20.94 -20.27 -0.60
C PRO A 86 -22.16 -20.32 -1.50
N ASP A 87 -22.93 -21.41 -1.42
CA ASP A 87 -24.10 -21.54 -2.28
C ASP A 87 -25.18 -20.53 -1.96
N ASP A 88 -25.42 -20.27 -0.69
CA ASP A 88 -26.41 -19.27 -0.34
C ASP A 88 -25.88 -17.91 -0.77
N ASP A 89 -24.58 -17.66 -0.56
CA ASP A 89 -24.03 -16.33 -0.94
C ASP A 89 -24.29 -16.03 -2.43
N LEU A 90 -23.90 -16.96 -3.29
CA LEU A 90 -24.09 -16.74 -4.72
C LEU A 90 -25.57 -16.64 -5.08
N ALA A 91 -26.43 -17.40 -4.41
CA ALA A 91 -27.88 -17.31 -4.69
C ALA A 91 -28.39 -15.91 -4.37
N GLN A 92 -27.94 -15.35 -3.25
CA GLN A 92 -28.36 -14.02 -2.90
C GLN A 92 -27.81 -12.98 -3.89
N LEU A 93 -26.56 -13.16 -4.34
CA LEU A 93 -26.01 -12.20 -5.31
C LEU A 93 -26.82 -12.25 -6.61
N ARG A 94 -27.17 -13.46 -7.06
CA ARG A 94 -27.98 -13.60 -8.27
C ARG A 94 -29.33 -12.87 -8.10
N ALA A 95 -29.97 -13.06 -6.95
CA ALA A 95 -31.26 -12.41 -6.71
C ALA A 95 -31.16 -10.88 -6.68
N GLU A 96 -29.98 -10.35 -6.37
CA GLU A 96 -29.81 -8.91 -6.31
C GLU A 96 -29.41 -8.31 -7.64
N GLY A 97 -29.23 -9.15 -8.66
CA GLY A 97 -28.85 -8.64 -9.97
C GLY A 97 -27.37 -8.28 -10.07
N VAL A 98 -26.56 -8.87 -9.18
CA VAL A 98 -25.12 -8.61 -9.21
C VAL A 98 -24.51 -9.29 -10.41
N GLU A 99 -23.68 -8.58 -11.15
CA GLU A 99 -23.09 -9.16 -12.34
C GLU A 99 -21.71 -9.82 -12.16
N ILE A 100 -20.98 -9.43 -11.14
CA ILE A 100 -19.68 -10.02 -10.91
C ILE A 100 -19.39 -10.38 -9.45
N ALA A 101 -19.00 -11.64 -9.26
CA ALA A 101 -18.57 -12.13 -7.93
C ALA A 101 -17.06 -12.51 -8.12
N PHE A 102 -16.21 -11.98 -7.25
CA PHE A 102 -14.77 -12.27 -7.32
C PHE A 102 -14.45 -13.18 -6.14
N THR A 103 -14.12 -14.43 -6.45
CA THR A 103 -13.91 -15.44 -5.40
C THR A 103 -12.51 -16.03 -5.49
N PRO A 104 -11.48 -15.25 -5.14
CA PRO A 104 -10.09 -15.73 -5.20
C PRO A 104 -9.70 -16.80 -4.19
N THR A 105 -8.64 -17.52 -4.53
CA THR A 105 -8.11 -18.56 -3.67
C THR A 105 -7.03 -17.88 -2.81
N THR A 106 -6.67 -18.50 -1.70
CA THR A 106 -5.62 -17.99 -0.83
C THR A 106 -4.26 -17.94 -1.55
N ALA A 107 -4.01 -18.95 -2.39
CA ALA A 107 -2.78 -18.98 -3.16
C ALA A 107 -2.69 -17.84 -4.17
N ALA A 108 -3.80 -17.50 -4.84
CA ALA A 108 -3.79 -16.40 -5.81
C ALA A 108 -3.56 -15.05 -5.12
N MET A 109 -4.05 -14.90 -3.89
CA MET A 109 -3.89 -13.64 -3.16
C MET A 109 -2.56 -13.52 -2.40
N TYR A 110 -2.04 -14.63 -1.88
CA TYR A 110 -0.80 -14.64 -1.12
C TYR A 110 0.20 -15.68 -1.67
N PRO A 111 0.59 -15.55 -2.94
CA PRO A 111 1.52 -16.52 -3.51
C PRO A 111 2.88 -16.49 -2.87
N ASP A 112 3.21 -15.38 -2.21
CA ASP A 112 4.50 -15.24 -1.59
C ASP A 112 4.39 -15.14 -0.08
N GLY A 113 3.27 -15.62 0.45
CA GLY A 113 3.04 -15.58 1.88
C GLY A 113 2.93 -14.13 2.31
N LEU A 114 3.35 -13.83 3.53
CA LEU A 114 3.32 -12.45 4.01
C LEU A 114 4.68 -11.82 3.72
N ARG A 115 4.72 -10.98 2.69
CA ARG A 115 5.98 -10.33 2.34
C ARG A 115 5.75 -8.84 2.54
N THR A 116 5.43 -8.09 1.47
CA THR A 116 5.17 -6.65 1.64
C THR A 116 3.75 -6.54 2.24
N THR A 117 3.56 -5.74 3.28
CA THR A 117 2.23 -5.61 3.85
C THR A 117 1.97 -4.16 4.24
N VAL A 118 0.72 -3.91 4.63
CA VAL A 118 0.34 -2.56 5.05
C VAL A 118 0.43 -2.47 6.54
N GLN A 119 1.09 -1.42 7.01
CA GLN A 119 1.25 -1.15 8.45
C GLN A 119 0.25 -0.03 8.76
N PRO A 120 -0.87 -0.35 9.42
CA PRO A 120 -1.83 0.74 9.71
C PRO A 120 -1.25 1.75 10.74
N GLY A 121 -1.90 2.91 10.89
CA GLY A 121 -1.46 3.88 11.89
C GLY A 121 -1.81 3.41 13.30
N PRO A 122 -1.56 4.23 14.34
CA PRO A 122 -1.83 3.92 15.76
C PRO A 122 -3.25 3.44 16.08
N LEU A 123 -4.25 3.87 15.31
CA LEU A 123 -5.63 3.48 15.59
C LEU A 123 -5.81 1.94 15.55
N ALA A 124 -4.98 1.26 14.77
CA ALA A 124 -5.10 -0.21 14.65
C ALA A 124 -4.72 -0.96 15.93
N ALA A 125 -4.01 -0.28 16.83
CA ALA A 125 -3.60 -0.93 18.07
C ALA A 125 -4.64 -0.76 19.18
N GLU A 126 -5.71 -0.02 18.89
CA GLU A 126 -6.76 0.24 19.89
C GLU A 126 -8.09 -0.44 19.62
N LEU A 127 -8.99 -0.37 20.61
CA LEU A 127 -10.30 -0.97 20.51
C LEU A 127 -10.17 -2.43 20.00
N GLU A 128 -10.71 -2.73 18.83
CA GLU A 128 -10.62 -4.10 18.30
C GLU A 128 -9.17 -4.57 18.16
N GLY A 129 -8.25 -3.63 17.92
CA GLY A 129 -6.85 -4.00 17.72
C GLY A 129 -6.06 -4.26 18.99
N GLY A 130 -6.55 -3.81 20.13
CA GLY A 130 -5.82 -4.03 21.37
C GLY A 130 -5.33 -5.44 21.59
N PRO A 131 -6.24 -6.42 21.69
CA PRO A 131 -5.89 -7.83 21.89
C PRO A 131 -5.59 -8.55 20.56
N ARG A 132 -5.61 -7.81 19.46
CA ARG A 132 -5.37 -8.42 18.14
C ARG A 132 -4.56 -7.41 17.34
N PRO A 133 -3.28 -7.22 17.69
CA PRO A 133 -2.34 -6.28 17.08
C PRO A 133 -2.08 -6.38 15.59
N THR A 134 -2.34 -7.53 14.97
CA THR A 134 -2.08 -7.67 13.54
C THR A 134 -3.36 -7.75 12.72
N HIS A 135 -4.51 -7.70 13.40
CA HIS A 135 -5.80 -7.79 12.71
C HIS A 135 -6.01 -6.76 11.58
N PHE A 136 -5.86 -5.47 11.90
CA PHE A 136 -6.09 -4.46 10.86
C PHE A 136 -5.02 -4.35 9.78
N ALA A 137 -3.79 -4.81 10.07
CA ALA A 137 -2.75 -4.86 9.04
C ALA A 137 -3.27 -5.90 8.03
N GLY A 138 -3.92 -6.96 8.52
CA GLY A 138 -4.46 -7.97 7.61
C GLY A 138 -5.61 -7.44 6.76
N VAL A 139 -6.48 -6.66 7.39
CA VAL A 139 -7.62 -6.08 6.68
C VAL A 139 -7.12 -5.03 5.63
N LEU A 140 -6.27 -4.11 6.05
CA LEU A 140 -5.80 -3.08 5.11
C LEU A 140 -4.97 -3.65 3.95
N THR A 141 -4.18 -4.68 4.21
CA THR A 141 -3.37 -5.30 3.15
C THR A 141 -4.32 -5.94 2.12
N VAL A 142 -5.32 -6.70 2.57
CA VAL A 142 -6.19 -7.32 1.58
C VAL A 142 -7.08 -6.28 0.84
N VAL A 143 -7.54 -5.24 1.55
CA VAL A 143 -8.37 -4.26 0.90
C VAL A 143 -7.53 -3.47 -0.12
N LEU A 144 -6.28 -3.21 0.22
CA LEU A 144 -5.42 -2.50 -0.74
C LEU A 144 -5.29 -3.35 -1.99
N LYS A 145 -5.06 -4.66 -1.81
CA LYS A 145 -4.90 -5.55 -2.95
C LYS A 145 -6.18 -5.63 -3.80
N LEU A 146 -7.33 -5.75 -3.12
CA LEU A 146 -8.60 -5.82 -3.81
C LEU A 146 -8.85 -4.55 -4.65
N LEU A 147 -8.52 -3.40 -4.08
CA LEU A 147 -8.67 -2.12 -4.79
C LEU A 147 -7.75 -2.04 -6.03
N GLN A 148 -6.54 -2.60 -5.92
CA GLN A 148 -5.64 -2.55 -7.07
C GLN A 148 -6.06 -3.54 -8.14
N ILE A 149 -6.60 -4.68 -7.73
CA ILE A 149 -7.07 -5.70 -8.69
C ILE A 149 -8.31 -5.25 -9.48
N VAL A 150 -9.30 -4.78 -8.72
CA VAL A 150 -10.59 -4.38 -9.29
C VAL A 150 -10.64 -2.94 -9.78
N ARG A 151 -9.86 -2.05 -9.13
CA ARG A 151 -9.80 -0.62 -9.51
C ARG A 151 -11.19 -0.02 -9.61
N PRO A 152 -11.97 -0.10 -8.53
CA PRO A 152 -13.32 0.45 -8.57
C PRO A 152 -13.32 1.96 -8.43
N ASP A 153 -14.40 2.58 -8.86
CA ASP A 153 -14.58 4.03 -8.70
C ASP A 153 -14.99 4.32 -7.27
N ARG A 154 -15.79 3.43 -6.70
CA ARG A 154 -16.23 3.56 -5.32
C ARG A 154 -16.20 2.18 -4.64
N VAL A 155 -15.92 2.16 -3.34
CA VAL A 155 -15.88 0.91 -2.59
C VAL A 155 -16.78 1.11 -1.37
N PHE A 156 -17.57 0.08 -1.07
CA PHE A 156 -18.59 0.15 -0.03
C PHE A 156 -18.31 -0.69 1.20
N PHE A 157 -18.46 -0.07 2.37
CA PHE A 157 -18.25 -0.73 3.64
C PHE A 157 -19.39 -0.41 4.61
N GLY A 158 -19.72 -1.36 5.48
CA GLY A 158 -20.77 -1.12 6.46
C GLY A 158 -20.28 -0.33 7.64
N GLU A 159 -21.14 0.52 8.23
CA GLU A 159 -20.74 1.26 9.42
C GLU A 159 -20.66 0.37 10.68
N LYS A 160 -21.22 -0.84 10.61
CA LYS A 160 -21.17 -1.74 11.76
C LYS A 160 -19.74 -1.91 12.27
N ASP A 161 -18.80 -2.15 11.35
CA ASP A 161 -17.40 -2.28 11.73
C ASP A 161 -16.81 -0.89 11.46
N TYR A 162 -17.21 0.04 12.33
CA TYR A 162 -16.82 1.42 12.21
C TYR A 162 -15.33 1.71 12.26
N GLN A 163 -14.61 1.05 13.16
CA GLN A 163 -13.16 1.30 13.27
C GLN A 163 -12.49 0.85 11.97
N GLN A 164 -12.95 -0.27 11.45
CA GLN A 164 -12.44 -0.77 10.17
C GLN A 164 -12.67 0.27 9.07
N LEU A 165 -13.88 0.85 9.03
CA LEU A 165 -14.21 1.86 8.02
C LEU A 165 -13.27 3.07 8.13
N VAL A 166 -13.03 3.54 9.34
CA VAL A 166 -12.15 4.68 9.55
C VAL A 166 -10.75 4.37 9.07
N LEU A 167 -10.26 3.16 9.39
CA LEU A 167 -8.91 2.76 8.98
C LEU A 167 -8.83 2.66 7.48
N ILE A 168 -9.90 2.18 6.84
CA ILE A 168 -9.88 2.13 5.38
C ILE A 168 -9.87 3.55 4.77
N ARG A 169 -10.57 4.50 5.40
CA ARG A 169 -10.50 5.89 4.90
C ARG A 169 -9.07 6.38 5.07
N GLN A 170 -8.39 5.97 6.14
CA GLN A 170 -6.97 6.40 6.35
C GLN A 170 -6.09 5.80 5.27
N LEU A 171 -6.33 4.53 4.98
CA LEU A 171 -5.58 3.85 3.92
C LEU A 171 -5.71 4.62 2.61
N VAL A 172 -6.95 4.97 2.28
CA VAL A 172 -7.19 5.67 1.02
C VAL A 172 -6.54 7.03 0.97
N ALA A 173 -6.67 7.79 2.04
CA ALA A 173 -6.03 9.11 2.07
C ALA A 173 -4.49 9.06 2.08
N ASP A 174 -3.94 8.21 2.96
CA ASP A 174 -2.49 8.07 3.15
C ASP A 174 -1.72 7.53 1.95
N PHE A 175 -2.36 6.66 1.16
CA PHE A 175 -1.70 6.12 -0.04
C PHE A 175 -2.18 6.79 -1.34
N ASN A 176 -2.93 7.90 -1.18
CA ASN A 176 -3.43 8.66 -2.34
C ASN A 176 -4.24 7.79 -3.30
N LEU A 177 -5.03 6.88 -2.75
CA LEU A 177 -5.82 6.00 -3.61
C LEU A 177 -6.95 6.76 -4.30
N ASP A 178 -7.12 6.52 -5.60
CA ASP A 178 -8.14 7.23 -6.34
C ASP A 178 -9.45 6.43 -6.35
N VAL A 179 -10.10 6.39 -5.19
CA VAL A 179 -11.37 5.69 -5.04
C VAL A 179 -12.15 6.41 -3.95
N ALA A 180 -13.46 6.45 -4.09
CA ALA A 180 -14.33 7.07 -3.10
C ALA A 180 -14.79 5.98 -2.11
N VAL A 181 -14.60 6.21 -0.80
CA VAL A 181 -15.04 5.22 0.18
C VAL A 181 -16.45 5.61 0.64
N VAL A 182 -17.39 4.68 0.53
CA VAL A 182 -18.77 4.93 0.93
C VAL A 182 -19.18 4.07 2.12
N GLY A 183 -19.54 4.73 3.22
CA GLY A 183 -19.97 4.01 4.38
C GLY A 183 -21.48 3.89 4.33
N VAL A 184 -21.99 2.69 4.61
CA VAL A 184 -23.42 2.44 4.55
C VAL A 184 -23.95 2.17 5.97
N PRO A 185 -25.05 2.83 6.37
CA PRO A 185 -25.59 2.64 7.72
C PRO A 185 -25.87 1.18 8.02
N THR A 186 -25.66 0.85 9.28
CA THR A 186 -25.87 -0.50 9.79
C THR A 186 -27.31 -1.01 9.62
N VAL A 187 -27.47 -2.22 9.10
CA VAL A 187 -28.82 -2.78 8.93
C VAL A 187 -29.09 -3.56 10.20
N ARG A 188 -30.28 -3.37 10.79
CA ARG A 188 -30.65 -4.01 12.04
C ARG A 188 -31.89 -4.91 11.96
N GLU A 189 -31.96 -5.89 12.86
CA GLU A 189 -33.12 -6.78 12.95
C GLU A 189 -34.25 -5.91 13.55
N ALA A 190 -35.49 -6.41 13.52
CA ALA A 190 -36.65 -5.63 14.03
C ALA A 190 -36.48 -5.10 15.45
N ASP A 191 -35.72 -5.79 16.30
CA ASP A 191 -35.53 -5.32 17.66
C ASP A 191 -34.32 -4.41 17.84
N GLY A 192 -33.57 -4.15 16.76
CA GLY A 192 -32.39 -3.30 16.85
C GLY A 192 -31.05 -4.03 16.73
N LEU A 193 -31.04 -5.36 16.87
CA LEU A 193 -29.77 -6.10 16.79
C LEU A 193 -29.07 -5.83 15.45
N ALA A 194 -27.82 -5.38 15.51
CA ALA A 194 -27.08 -5.13 14.27
C ALA A 194 -26.87 -6.45 13.53
N MET A 195 -27.14 -6.50 12.23
CA MET A 195 -26.90 -7.75 11.52
C MET A 195 -25.40 -8.07 11.42
N SER A 196 -25.10 -9.35 11.59
CA SER A 196 -23.72 -9.82 11.57
C SER A 196 -23.75 -11.32 11.27
N SER A 197 -22.72 -11.81 10.57
CA SER A 197 -22.67 -13.25 10.29
C SER A 197 -22.40 -14.02 11.58
N ARG A 198 -22.07 -13.31 12.66
CA ARG A 198 -21.83 -13.96 13.95
C ARG A 198 -23.12 -14.16 14.77
N ASN A 199 -24.20 -13.49 14.39
CA ASN A 199 -25.44 -13.64 15.14
C ASN A 199 -25.95 -15.09 15.11
N ARG A 200 -25.49 -15.89 14.15
CA ARG A 200 -25.93 -17.28 14.08
C ARG A 200 -25.43 -18.12 15.27
N TYR A 201 -24.45 -17.59 16.03
CA TYR A 201 -23.91 -18.32 17.16
C TYR A 201 -24.55 -17.97 18.50
N LEU A 202 -25.63 -17.19 18.46
CA LEU A 202 -26.35 -16.80 19.67
C LEU A 202 -27.48 -17.79 19.83
N ASP A 203 -27.54 -18.47 20.96
CA ASP A 203 -28.65 -19.41 21.17
C ASP A 203 -29.87 -18.51 21.49
N PRO A 204 -31.09 -19.09 21.57
CA PRO A 204 -32.27 -18.27 21.86
C PRO A 204 -32.16 -17.29 23.03
N ALA A 205 -31.55 -17.73 24.13
CA ALA A 205 -31.39 -16.87 25.30
C ALA A 205 -30.44 -15.71 25.01
N GLN A 206 -29.33 -16.03 24.34
CA GLN A 206 -28.33 -15.02 24.00
C GLN A 206 -28.91 -14.05 22.98
N ARG A 207 -29.68 -14.55 22.03
CA ARG A 207 -30.27 -13.67 21.05
C ARG A 207 -31.17 -12.67 21.77
N ALA A 208 -31.92 -13.15 22.75
CA ALA A 208 -32.79 -12.26 23.50
C ALA A 208 -31.96 -11.19 24.23
N ALA A 209 -30.89 -11.61 24.92
CA ALA A 209 -30.07 -10.68 25.68
C ALA A 209 -29.29 -9.67 24.85
N ALA A 210 -28.92 -10.07 23.62
CA ALA A 210 -28.12 -9.25 22.70
C ALA A 210 -28.78 -7.92 22.29
N VAL A 211 -30.08 -7.82 22.45
CA VAL A 211 -30.77 -6.59 22.13
C VAL A 211 -30.21 -5.44 23.00
N ALA A 212 -29.57 -5.78 24.12
CA ALA A 212 -29.02 -4.76 25.03
C ALA A 212 -27.99 -3.83 24.37
N LEU A 213 -27.22 -4.35 23.42
CA LEU A 213 -26.20 -3.50 22.79
C LEU A 213 -26.81 -2.33 22.05
N SER A 214 -27.78 -2.59 21.17
CA SER A 214 -28.40 -1.53 20.39
C SER A 214 -29.29 -0.68 21.32
N ALA A 215 -29.95 -1.31 22.29
CA ALA A 215 -30.80 -0.53 23.23
C ALA A 215 -29.92 0.44 24.04
N ALA A 216 -28.75 -0.03 24.45
CA ALA A 216 -27.81 0.80 25.23
C ALA A 216 -27.33 1.98 24.38
N LEU A 217 -26.97 1.70 23.13
CA LEU A 217 -26.49 2.73 22.24
C LEU A 217 -27.53 3.77 21.92
N THR A 218 -28.76 3.32 21.60
CA THR A 218 -29.80 4.28 21.28
C THR A 218 -30.24 5.04 22.53
N ALA A 219 -30.21 4.39 23.69
CA ALA A 219 -30.54 5.13 24.92
C ALA A 219 -29.50 6.25 25.12
N ALA A 220 -28.23 5.91 24.89
CA ALA A 220 -27.14 6.85 25.03
C ALA A 220 -27.29 8.02 24.06
N ALA A 221 -27.65 7.71 22.81
CA ALA A 221 -27.78 8.77 21.81
C ALA A 221 -28.82 9.78 22.23
N HIS A 222 -29.87 9.35 22.92
CA HIS A 222 -30.89 10.30 23.35
C HIS A 222 -30.52 10.95 24.69
N ALA A 223 -29.81 10.22 25.53
CA ALA A 223 -29.39 10.78 26.83
C ALA A 223 -28.34 11.90 26.64
N ALA A 224 -27.65 11.86 25.51
CA ALA A 224 -26.56 12.76 25.19
C ALA A 224 -26.86 14.24 25.28
N THR A 225 -28.13 14.62 25.24
CA THR A 225 -28.48 16.05 25.36
C THR A 225 -28.00 16.52 26.73
N ALA A 226 -27.86 15.58 27.66
CA ALA A 226 -27.41 15.91 29.00
C ALA A 226 -25.91 15.77 29.17
N GLY A 227 -25.18 15.52 28.07
CA GLY A 227 -23.74 15.40 28.14
C GLY A 227 -23.17 14.00 28.01
N ALA A 228 -21.84 13.91 27.92
CA ALA A 228 -21.17 12.62 27.74
C ALA A 228 -21.34 11.64 28.89
N GLN A 229 -21.27 12.12 30.14
CA GLN A 229 -21.39 11.21 31.27
C GLN A 229 -22.78 10.58 31.28
N ALA A 230 -23.78 11.40 31.03
CA ALA A 230 -25.15 10.89 31.03
C ALA A 230 -25.33 9.83 29.95
N ALA A 231 -24.76 10.07 28.78
CA ALA A 231 -24.88 9.14 27.66
C ALA A 231 -24.24 7.81 28.00
N LEU A 232 -23.00 7.90 28.49
CA LEU A 232 -22.27 6.69 28.87
C LEU A 232 -22.94 5.94 30.00
N ASP A 233 -23.43 6.66 31.03
CA ASP A 233 -24.08 5.97 32.13
C ASP A 233 -25.40 5.31 31.74
N ALA A 234 -26.12 5.92 30.79
CA ALA A 234 -27.39 5.33 30.31
C ALA A 234 -27.04 4.01 29.60
N ALA A 235 -26.02 4.04 28.73
CA ALA A 235 -25.62 2.82 28.04
C ALA A 235 -25.16 1.76 29.04
N ARG A 236 -24.37 2.17 30.03
CA ARG A 236 -23.86 1.19 31.00
C ARG A 236 -25.00 0.55 31.80
N ALA A 237 -26.04 1.32 32.10
CA ALA A 237 -27.15 0.81 32.87
C ALA A 237 -27.90 -0.28 32.10
N VAL A 238 -28.05 -0.07 30.80
CA VAL A 238 -28.76 -1.02 29.97
C VAL A 238 -27.94 -2.30 29.86
N LEU A 239 -26.65 -2.16 29.60
CA LEU A 239 -25.75 -3.32 29.48
C LEU A 239 -25.72 -4.09 30.81
N ASP A 240 -25.63 -3.35 31.91
CA ASP A 240 -25.61 -3.95 33.25
C ASP A 240 -26.89 -4.69 33.59
N ALA A 241 -28.01 -4.34 32.96
CA ALA A 241 -29.26 -5.02 33.25
C ALA A 241 -29.41 -6.27 32.39
N ALA A 242 -28.51 -6.45 31.42
CA ALA A 242 -28.57 -7.59 30.51
C ALA A 242 -27.94 -8.86 31.02
N PRO A 243 -28.70 -9.98 30.97
CA PRO A 243 -28.25 -11.29 31.42
C PRO A 243 -27.26 -11.97 30.52
N GLY A 244 -26.06 -12.21 31.04
CA GLY A 244 -25.06 -12.90 30.25
C GLY A 244 -24.37 -12.05 29.22
N VAL A 245 -24.35 -10.74 29.44
CA VAL A 245 -23.65 -9.84 28.52
C VAL A 245 -22.38 -9.33 29.20
N ALA A 246 -21.22 -9.71 28.67
CA ALA A 246 -19.97 -9.28 29.25
C ALA A 246 -19.33 -8.21 28.39
N VAL A 247 -19.38 -6.99 28.86
CA VAL A 247 -18.81 -5.89 28.10
C VAL A 247 -17.29 -5.90 28.04
N ASP A 248 -16.77 -5.80 26.80
CA ASP A 248 -15.35 -5.74 26.54
C ASP A 248 -14.97 -4.26 26.67
N TYR A 249 -15.61 -3.43 25.87
CA TYR A 249 -15.39 -1.99 25.97
C TYR A 249 -16.61 -1.22 25.55
N LEU A 250 -16.73 0.00 26.08
CA LEU A 250 -17.80 0.91 25.73
C LEU A 250 -17.10 2.23 25.74
N GLU A 251 -16.90 2.81 24.56
CA GLU A 251 -16.17 4.07 24.48
C GLU A 251 -16.82 5.07 23.59
N LEU A 252 -16.72 6.33 24.00
CA LEU A 252 -17.28 7.43 23.24
C LEU A 252 -16.09 8.22 22.70
N ARG A 253 -15.95 8.27 21.39
CA ARG A 253 -14.82 8.99 20.78
C ARG A 253 -15.22 10.01 19.73
N ASP A 254 -14.25 10.83 19.34
CA ASP A 254 -14.47 11.78 18.26
C ASP A 254 -14.78 10.86 17.06
N ILE A 255 -15.48 11.36 16.04
CA ILE A 255 -15.82 10.52 14.89
C ILE A 255 -14.69 9.89 14.11
N GLY A 256 -13.51 10.51 14.12
CA GLY A 256 -12.37 9.95 13.42
C GLY A 256 -11.62 8.93 14.26
N LEU A 257 -12.03 8.81 15.53
CA LEU A 257 -11.46 7.86 16.47
C LEU A 257 -9.98 8.12 16.70
N GLY A 258 -9.50 9.26 16.19
CA GLY A 258 -8.10 9.62 16.29
C GLY A 258 -7.66 10.34 17.54
N PRO A 259 -6.48 10.98 17.49
CA PRO A 259 -5.88 11.73 18.61
C PRO A 259 -6.57 13.08 18.80
N MET A 260 -7.88 13.05 18.87
CA MET A 260 -8.69 14.26 19.03
C MET A 260 -9.72 14.01 20.11
N PRO A 261 -9.89 14.98 21.02
CA PRO A 261 -10.88 14.80 22.07
C PRO A 261 -12.27 14.90 21.48
N LEU A 262 -13.24 14.32 22.17
CA LEU A 262 -14.62 14.34 21.77
C LEU A 262 -15.09 15.79 21.83
N ASN A 263 -15.65 16.31 20.73
CA ASN A 263 -16.10 17.70 20.77
C ASN A 263 -17.37 17.89 19.96
N GLY A 264 -18.52 17.52 20.52
CA GLY A 264 -19.76 17.75 19.78
C GLY A 264 -20.35 16.59 18.99
N SER A 265 -19.58 16.07 18.05
CA SER A 265 -20.01 14.95 17.20
C SER A 265 -19.11 13.79 17.52
N GLY A 266 -19.71 12.67 17.92
CA GLY A 266 -18.88 11.53 18.26
C GLY A 266 -19.47 10.21 17.81
N ARG A 267 -18.78 9.15 18.19
CA ARG A 267 -19.26 7.81 17.89
C ARG A 267 -19.14 7.02 19.19
N LEU A 268 -20.20 6.31 19.56
CA LEU A 268 -20.18 5.51 20.77
C LEU A 268 -20.02 4.10 20.26
N LEU A 269 -18.97 3.43 20.73
CA LEU A 269 -18.69 2.05 20.31
C LEU A 269 -18.76 1.05 21.44
N VAL A 270 -19.29 -0.13 21.16
CA VAL A 270 -19.36 -1.16 22.18
C VAL A 270 -18.98 -2.51 21.58
N ALA A 271 -18.36 -3.37 22.41
CA ALA A 271 -18.00 -4.74 22.05
C ALA A 271 -18.34 -5.55 23.29
N ALA A 272 -19.05 -6.66 23.13
CA ALA A 272 -19.41 -7.45 24.29
C ALA A 272 -19.47 -8.93 23.89
N ARG A 273 -19.30 -9.79 24.88
CA ARG A 273 -19.33 -11.22 24.64
C ARG A 273 -20.58 -11.82 25.24
N LEU A 274 -21.24 -12.65 24.44
CA LEU A 274 -22.43 -13.37 24.88
C LEU A 274 -21.97 -14.82 24.71
N GLY A 275 -21.48 -15.43 25.81
CA GLY A 275 -20.93 -16.78 25.68
C GLY A 275 -19.61 -16.62 24.93
N THR A 276 -19.40 -17.36 23.86
CA THR A 276 -18.17 -17.23 23.09
C THR A 276 -18.31 -16.23 21.92
N THR A 277 -19.52 -15.74 21.71
CA THR A 277 -19.79 -14.81 20.61
C THR A 277 -19.51 -13.36 20.98
N ARG A 278 -18.59 -12.74 20.26
CA ARG A 278 -18.25 -11.33 20.52
C ARG A 278 -19.03 -10.51 19.49
N LEU A 279 -19.86 -9.58 19.98
CA LEU A 279 -20.67 -8.71 19.10
C LEU A 279 -20.18 -7.26 19.21
N LEU A 280 -20.27 -6.53 18.10
CA LEU A 280 -19.91 -5.12 18.10
C LEU A 280 -21.12 -4.31 17.63
N ASP A 281 -21.18 -3.07 18.07
CA ASP A 281 -22.20 -2.15 17.60
C ASP A 281 -21.67 -0.73 17.85
N ASN A 282 -22.23 0.23 17.15
CA ASN A 282 -21.80 1.62 17.34
C ASN A 282 -22.87 2.52 16.83
N ILE A 283 -22.84 3.79 17.24
CA ILE A 283 -23.86 4.71 16.82
C ILE A 283 -23.31 6.14 16.87
N ALA A 284 -23.88 7.00 16.02
CA ALA A 284 -23.53 8.43 15.97
C ALA A 284 -24.08 9.04 17.24
N ILE A 285 -23.33 9.98 17.80
CA ILE A 285 -23.76 10.66 19.03
C ILE A 285 -23.50 12.14 18.83
N GLU A 286 -24.46 12.97 19.20
CA GLU A 286 -24.29 14.43 19.18
C GLU A 286 -24.41 14.84 20.66
N ILE A 287 -23.37 15.46 21.18
CA ILE A 287 -23.36 15.85 22.59
C ILE A 287 -24.04 17.20 22.79
N GLY A 288 -25.01 17.24 23.71
CA GLY A 288 -25.73 18.47 23.99
C GLY A 288 -26.70 18.90 22.91
N THR A 289 -26.99 18.02 21.97
CA THR A 289 -27.91 18.32 20.86
C THR A 289 -29.13 17.42 20.93
N ALA B 2 -12.26 21.66 -13.38
CA ALA B 2 -11.37 21.97 -14.54
C ALA B 2 -10.00 21.31 -14.37
N ILE B 3 -9.44 20.83 -15.48
CA ILE B 3 -8.13 20.18 -15.44
C ILE B 3 -7.08 21.28 -15.54
N PRO B 4 -6.01 21.21 -14.74
CA PRO B 4 -4.99 22.27 -14.83
C PRO B 4 -4.35 22.37 -16.21
N ALA B 5 -3.75 23.50 -16.48
CA ALA B 5 -3.14 23.71 -17.79
C ALA B 5 -1.91 22.84 -18.05
N PHE B 6 -1.82 22.34 -19.28
CA PHE B 6 -0.67 21.56 -19.72
C PHE B 6 -0.20 22.08 -21.09
N HIS B 7 1.06 22.53 -21.17
CA HIS B 7 1.64 23.04 -22.42
C HIS B 7 2.59 22.01 -23.01
N PRO B 8 2.15 21.30 -24.06
CA PRO B 8 3.00 20.29 -24.69
C PRO B 8 4.33 20.88 -25.13
N GLY B 9 5.37 20.05 -25.14
CA GLY B 9 6.69 20.50 -25.57
C GLY B 9 7.41 21.39 -24.59
N GLU B 10 6.79 21.63 -23.44
CA GLU B 10 7.38 22.49 -22.42
C GLU B 10 7.46 21.75 -21.09
N LEU B 11 8.28 22.27 -20.17
CA LEU B 11 8.37 21.68 -18.85
C LEU B 11 7.28 22.35 -18.00
N ASN B 12 6.27 21.57 -17.62
CA ASN B 12 5.16 22.01 -16.81
C ASN B 12 5.44 21.54 -15.39
N VAL B 13 5.56 22.47 -14.45
CA VAL B 13 5.84 22.09 -13.08
C VAL B 13 4.58 22.17 -12.21
N TYR B 14 4.32 21.10 -11.45
CA TYR B 14 3.17 21.04 -10.57
C TYR B 14 3.63 20.60 -9.19
N SER B 15 3.14 21.28 -8.17
CA SER B 15 3.48 20.95 -6.80
C SER B 15 2.37 20.22 -6.10
N ALA B 16 1.13 20.44 -6.54
CA ALA B 16 -0.02 19.80 -5.90
C ALA B 16 -0.25 18.40 -6.41
N PRO B 17 -0.36 17.42 -5.51
CA PRO B 17 -0.59 16.06 -5.99
C PRO B 17 -1.84 15.99 -6.91
N GLY B 18 -2.91 16.64 -6.48
CA GLY B 18 -4.13 16.65 -7.26
C GLY B 18 -3.93 17.16 -8.66
N ASP B 19 -3.10 18.19 -8.82
CA ASP B 19 -2.83 18.73 -10.14
C ASP B 19 -2.14 17.71 -11.07
N VAL B 20 -1.06 17.10 -10.60
CA VAL B 20 -0.37 16.17 -11.47
C VAL B 20 -1.25 14.93 -11.71
N ALA B 21 -2.06 14.56 -10.72
CA ALA B 21 -2.96 13.42 -10.86
C ALA B 21 -3.95 13.70 -11.99
N ASP B 22 -4.55 14.89 -11.96
CA ASP B 22 -5.51 15.31 -13.00
C ASP B 22 -4.89 15.40 -14.39
N VAL B 23 -3.72 16.03 -14.51
CA VAL B 23 -3.06 16.15 -15.81
C VAL B 23 -2.65 14.79 -16.34
N SER B 24 -2.14 13.93 -15.45
CA SER B 24 -1.73 12.59 -15.88
C SER B 24 -2.94 11.84 -16.42
N ARG B 25 -4.04 11.89 -15.70
CA ARG B 25 -5.28 11.23 -16.13
C ARG B 25 -5.72 11.78 -17.49
N ALA B 26 -5.82 13.10 -17.61
CA ALA B 26 -6.24 13.71 -18.87
C ALA B 26 -5.32 13.29 -20.04
N LEU B 27 -4.00 13.31 -19.81
CA LEU B 27 -3.07 12.95 -20.86
C LEU B 27 -3.22 11.48 -21.30
N ARG B 28 -3.39 10.58 -20.34
CA ARG B 28 -3.54 9.17 -20.67
C ARG B 28 -4.76 8.98 -21.55
N LEU B 29 -5.78 9.81 -21.34
CA LEU B 29 -6.99 9.68 -22.16
C LEU B 29 -6.81 10.33 -23.52
N THR B 30 -5.73 11.07 -23.69
CA THR B 30 -5.44 11.75 -24.97
C THR B 30 -4.50 10.97 -25.89
N GLY B 31 -4.06 9.79 -25.47
CA GLY B 31 -3.17 9.04 -26.32
C GLY B 31 -1.71 9.03 -25.89
N ARG B 32 -1.45 9.37 -24.63
CA ARG B 32 -0.07 9.35 -24.16
C ARG B 32 0.11 8.22 -23.14
N ARG B 33 1.35 7.75 -23.02
CA ARG B 33 1.67 6.71 -22.06
C ARG B 33 2.51 7.46 -21.03
N VAL B 34 2.01 7.50 -19.81
CA VAL B 34 2.68 8.21 -18.74
C VAL B 34 3.82 7.40 -18.14
N MET B 35 5.01 7.98 -18.19
CA MET B 35 6.22 7.35 -17.66
C MET B 35 6.60 8.13 -16.41
N LEU B 36 6.90 7.44 -15.31
CA LEU B 36 7.31 8.10 -14.06
C LEU B 36 8.75 7.81 -13.71
N VAL B 37 9.51 8.86 -13.40
CA VAL B 37 10.91 8.74 -13.01
C VAL B 37 11.02 9.38 -11.62
N PRO B 38 10.98 8.57 -10.56
CA PRO B 38 11.09 9.15 -9.23
C PRO B 38 12.51 9.54 -8.88
N THR B 39 12.67 10.74 -8.31
CA THR B 39 14.00 11.21 -7.89
C THR B 39 13.90 12.07 -6.63
N MET B 40 15.06 12.32 -6.02
CA MET B 40 15.10 13.21 -4.87
C MET B 40 15.90 14.46 -5.26
N GLY B 41 15.88 14.79 -6.54
CA GLY B 41 16.62 15.96 -7.03
C GLY B 41 18.13 15.79 -7.07
N ALA B 42 18.84 16.92 -7.21
CA ALA B 42 20.30 16.89 -7.31
C ALA B 42 20.64 15.96 -8.44
N LEU B 43 20.01 16.18 -9.60
CA LEU B 43 20.15 15.32 -10.76
C LEU B 43 21.51 15.21 -11.43
N HIS B 44 21.87 13.98 -11.80
CA HIS B 44 23.13 13.72 -12.50
C HIS B 44 22.88 12.81 -13.70
N GLU B 45 23.92 12.54 -14.49
CA GLU B 45 23.81 11.70 -15.68
C GLU B 45 23.06 10.40 -15.44
N GLY B 46 23.17 9.86 -14.23
CA GLY B 46 22.46 8.64 -13.90
C GLY B 46 20.97 8.89 -14.01
N HIS B 47 20.49 9.98 -13.43
CA HIS B 47 19.06 10.31 -13.53
C HIS B 47 18.68 10.57 -14.98
N LEU B 48 19.58 11.21 -15.74
CA LEU B 48 19.25 11.49 -17.14
C LEU B 48 19.07 10.21 -17.96
N ALA B 49 19.78 9.16 -17.59
CA ALA B 49 19.64 7.90 -18.30
C ALA B 49 18.24 7.36 -18.04
N LEU B 50 17.73 7.55 -16.81
CA LEU B 50 16.37 7.10 -16.50
C LEU B 50 15.37 7.90 -17.37
N VAL B 51 15.60 9.21 -17.45
CA VAL B 51 14.76 10.08 -18.25
C VAL B 51 14.76 9.65 -19.70
N ARG B 52 15.95 9.40 -20.24
CA ARG B 52 16.04 8.98 -21.62
C ARG B 52 15.38 7.66 -21.90
N ALA B 53 15.42 6.75 -20.92
CA ALA B 53 14.78 5.44 -21.10
C ALA B 53 13.27 5.65 -21.19
N ALA B 54 12.76 6.57 -20.37
CA ALA B 54 11.30 6.84 -20.38
C ALA B 54 10.88 7.54 -21.70
N LYS B 55 11.68 8.51 -22.12
CA LYS B 55 11.43 9.27 -23.31
C LYS B 55 11.33 8.42 -24.57
N ARG B 56 12.11 7.36 -24.65
CA ARG B 56 12.07 6.55 -25.86
C ARG B 56 10.82 5.69 -26.07
N VAL B 57 9.99 5.52 -25.05
CA VAL B 57 8.75 4.76 -25.22
C VAL B 57 7.81 5.59 -26.13
N PRO B 58 7.36 5.01 -27.26
CA PRO B 58 6.46 5.75 -28.15
C PRO B 58 5.22 6.28 -27.43
N GLY B 59 4.88 7.55 -27.69
CA GLY B 59 3.72 8.17 -27.07
C GLY B 59 3.95 8.60 -25.63
N SER B 60 5.20 8.51 -25.18
CA SER B 60 5.49 8.88 -23.79
C SER B 60 5.31 10.35 -23.40
N VAL B 61 4.90 10.54 -22.15
CA VAL B 61 4.89 11.88 -21.60
C VAL B 61 5.62 11.51 -20.32
N VAL B 62 6.74 12.16 -20.11
CA VAL B 62 7.56 11.84 -18.95
C VAL B 62 7.29 12.70 -17.73
N VAL B 63 7.02 12.04 -16.60
CA VAL B 63 6.82 12.73 -15.33
C VAL B 63 8.06 12.45 -14.45
N VAL B 64 8.77 13.51 -14.04
CA VAL B 64 9.91 13.32 -13.16
C VAL B 64 9.52 13.93 -11.82
N SER B 65 9.50 13.12 -10.77
CA SER B 65 9.15 13.65 -9.47
C SER B 65 10.45 14.06 -8.78
N ILE B 66 10.40 15.17 -8.07
CA ILE B 66 11.57 15.62 -7.32
C ILE B 66 11.03 15.84 -5.94
N PHE B 67 11.43 14.96 -5.01
CA PHE B 67 10.94 15.04 -3.65
C PHE B 67 11.92 14.38 -2.67
N VAL B 68 12.50 15.16 -1.78
CA VAL B 68 13.40 14.62 -0.79
C VAL B 68 12.45 14.10 0.29
N ASN B 69 12.29 12.77 0.29
CA ASN B 69 11.39 12.03 1.17
C ASN B 69 11.96 11.89 2.56
N PRO B 70 11.43 12.64 3.55
CA PRO B 70 12.02 12.48 4.87
C PRO B 70 11.91 11.08 5.51
N MET B 71 10.89 10.33 5.12
CA MET B 71 10.68 9.03 5.70
C MET B 71 11.81 8.02 5.46
N GLN B 72 12.63 8.25 4.44
CA GLN B 72 13.71 7.31 4.17
C GLN B 72 15.04 7.77 4.72
N PHE B 73 15.04 8.87 5.46
CA PHE B 73 16.29 9.31 6.06
C PHE B 73 16.30 8.69 7.44
N GLY B 74 17.43 8.09 7.80
CA GLY B 74 17.52 7.45 9.09
C GLY B 74 17.32 8.46 10.19
N ALA B 75 17.12 7.98 11.42
CA ALA B 75 16.96 8.88 12.56
C ALA B 75 18.28 9.67 12.64
N GLY B 76 19.30 9.13 11.98
CA GLY B 76 20.62 9.75 11.94
C GLY B 76 20.97 10.27 10.55
N GLY B 77 20.16 9.94 9.55
CA GLY B 77 20.41 10.43 8.20
C GLY B 77 20.27 11.94 8.25
N ASP B 78 20.89 12.65 7.32
CA ASP B 78 20.80 14.10 7.36
C ASP B 78 19.91 14.72 6.29
N LEU B 79 18.62 14.80 6.59
CA LEU B 79 17.65 15.39 5.67
C LEU B 79 18.09 16.78 5.21
N ASP B 80 18.37 17.67 6.16
CA ASP B 80 18.77 19.04 5.85
C ASP B 80 20.07 19.20 5.04
N ALA B 81 21.00 18.27 5.18
CA ALA B 81 22.26 18.35 4.45
C ALA B 81 22.09 17.93 3.01
N TYR B 82 21.00 17.22 2.72
CA TYR B 82 20.74 16.75 1.38
C TYR B 82 20.78 17.87 0.32
N PRO B 83 21.55 17.66 -0.77
CA PRO B 83 21.66 18.67 -1.81
C PRO B 83 20.35 19.07 -2.49
N ARG B 84 20.17 20.37 -2.66
CA ARG B 84 18.98 20.92 -3.30
C ARG B 84 19.37 21.97 -4.34
N THR B 85 19.19 21.62 -5.60
CA THR B 85 19.48 22.49 -6.74
C THR B 85 18.26 22.46 -7.65
N PRO B 86 17.12 23.00 -7.17
CA PRO B 86 15.85 23.04 -7.90
C PRO B 86 15.90 23.64 -9.29
N ASP B 87 16.41 24.86 -9.37
CA ASP B 87 16.51 25.55 -10.66
C ASP B 87 17.39 24.78 -11.63
N ASP B 88 18.54 24.32 -11.16
CA ASP B 88 19.43 23.55 -12.02
C ASP B 88 18.77 22.24 -12.42
N ASP B 89 18.05 21.63 -11.49
CA ASP B 89 17.40 20.36 -11.83
C ASP B 89 16.41 20.57 -12.97
N LEU B 90 15.53 21.54 -12.78
CA LEU B 90 14.51 21.85 -13.78
C LEU B 90 15.11 22.20 -15.14
N ALA B 91 16.30 22.81 -15.13
CA ALA B 91 16.98 23.17 -16.38
C ALA B 91 17.44 21.92 -17.09
N GLN B 92 17.93 20.95 -16.33
CA GLN B 92 18.35 19.71 -16.94
C GLN B 92 17.12 19.04 -17.56
N LEU B 93 16.01 19.02 -16.82
CA LEU B 93 14.80 18.39 -17.38
C LEU B 93 14.29 19.08 -18.66
N ARG B 94 14.33 20.42 -18.71
CA ARG B 94 13.91 21.14 -19.92
C ARG B 94 14.85 20.71 -21.05
N ALA B 95 16.15 20.69 -20.76
CA ALA B 95 17.14 20.31 -21.75
C ALA B 95 16.89 18.89 -22.30
N GLU B 96 16.28 18.03 -21.49
CA GLU B 96 15.98 16.68 -21.91
C GLU B 96 14.64 16.52 -22.60
N GLY B 97 13.85 17.59 -22.65
CA GLY B 97 12.55 17.51 -23.28
C GLY B 97 11.47 16.95 -22.38
N VAL B 98 11.70 16.98 -21.07
CA VAL B 98 10.72 16.47 -20.13
C VAL B 98 9.54 17.42 -20.06
N GLU B 99 8.32 16.90 -20.10
CA GLU B 99 7.16 17.76 -20.06
C GLU B 99 6.52 17.98 -18.69
N ILE B 100 6.77 17.08 -17.73
CA ILE B 100 6.20 17.28 -16.40
C ILE B 100 7.18 17.03 -15.25
N ALA B 101 7.24 17.98 -14.31
CA ALA B 101 8.05 17.85 -13.11
C ALA B 101 7.07 17.99 -11.97
N PHE B 102 7.10 17.01 -11.07
CA PHE B 102 6.23 17.00 -9.92
C PHE B 102 7.11 17.31 -8.70
N THR B 103 6.87 18.47 -8.09
CA THR B 103 7.67 18.94 -6.97
C THR B 103 6.86 19.25 -5.74
N PRO B 104 6.30 18.21 -5.05
CA PRO B 104 5.48 18.36 -3.85
C PRO B 104 6.25 18.77 -2.60
N THR B 105 5.55 19.39 -1.65
CA THR B 105 6.17 19.77 -0.41
C THR B 105 5.99 18.56 0.48
N THR B 106 6.75 18.49 1.58
CA THR B 106 6.61 17.38 2.53
C THR B 106 5.16 17.42 3.06
N ALA B 107 4.68 18.63 3.31
CA ALA B 107 3.32 18.75 3.83
C ALA B 107 2.26 18.18 2.88
N ALA B 108 2.44 18.39 1.57
CA ALA B 108 1.47 17.88 0.63
C ALA B 108 1.52 16.34 0.53
N MET B 109 2.71 15.78 0.71
CA MET B 109 2.86 14.32 0.61
C MET B 109 2.45 13.62 1.90
N TYR B 110 2.71 14.27 3.04
CA TYR B 110 2.34 13.69 4.30
C TYR B 110 1.46 14.67 5.10
N PRO B 111 0.26 14.96 4.60
CA PRO B 111 -0.65 15.89 5.29
C PRO B 111 -1.15 15.44 6.65
N ASP B 112 -1.07 14.14 6.90
CA ASP B 112 -1.50 13.57 8.18
C ASP B 112 -0.30 12.97 8.89
N GLY B 113 0.90 13.41 8.53
CA GLY B 113 2.08 12.84 9.16
C GLY B 113 2.28 11.39 8.74
N LEU B 114 3.02 10.63 9.53
CA LEU B 114 3.25 9.23 9.25
C LEU B 114 2.11 8.48 9.93
N ARG B 115 1.26 7.83 9.13
CA ARG B 115 0.15 7.10 9.71
C ARG B 115 0.18 5.72 9.07
N THR B 116 -0.63 5.50 8.01
CA THR B 116 -0.60 4.20 7.31
C THR B 116 0.72 4.18 6.52
N THR B 117 1.48 3.08 6.61
CA THR B 117 2.74 2.98 5.88
C THR B 117 2.93 1.59 5.28
N VAL B 118 3.94 1.48 4.42
CA VAL B 118 4.22 0.19 3.83
C VAL B 118 5.28 -0.51 4.68
N GLN B 119 5.03 -1.79 4.96
CA GLN B 119 5.96 -2.63 5.71
C GLN B 119 6.60 -3.60 4.68
N PRO B 120 7.88 -3.38 4.34
CA PRO B 120 8.51 -4.29 3.38
C PRO B 120 8.67 -5.70 3.95
N GLY B 121 8.94 -6.66 3.06
CA GLY B 121 9.22 -8.03 3.46
C GLY B 121 10.59 -8.05 4.13
N PRO B 122 11.06 -9.23 4.58
CA PRO B 122 12.35 -9.34 5.27
C PRO B 122 13.63 -8.92 4.55
N LEU B 123 13.58 -8.83 3.23
CA LEU B 123 14.74 -8.45 2.47
C LEU B 123 15.12 -7.03 2.89
N ALA B 124 14.13 -6.24 3.34
CA ALA B 124 14.43 -4.86 3.75
C ALA B 124 15.31 -4.73 4.99
N ALA B 125 15.48 -5.81 5.74
CA ALA B 125 16.31 -5.79 6.96
C ALA B 125 17.73 -6.24 6.66
N GLU B 126 17.96 -6.73 5.45
CA GLU B 126 19.25 -7.21 5.02
C GLU B 126 20.04 -6.17 4.23
N LEU B 127 21.32 -6.49 4.02
CA LEU B 127 22.23 -5.63 3.26
C LEU B 127 22.14 -4.17 3.72
N GLU B 128 21.56 -3.29 2.91
CA GLU B 128 21.47 -1.89 3.32
C GLU B 128 20.58 -1.73 4.54
N GLY B 129 19.68 -2.68 4.75
CA GLY B 129 18.76 -2.58 5.87
C GLY B 129 19.43 -2.81 7.22
N GLY B 130 20.67 -3.31 7.17
CA GLY B 130 21.42 -3.55 8.39
C GLY B 130 21.66 -2.26 9.14
N PRO B 131 22.38 -1.30 8.55
CA PRO B 131 22.63 -0.02 9.23
C PRO B 131 21.39 0.88 9.22
N ARG B 132 20.56 0.74 8.18
CA ARG B 132 19.35 1.57 8.06
C ARG B 132 18.11 0.69 7.96
N PRO B 133 17.66 0.14 9.10
CA PRO B 133 16.49 -0.73 9.19
C PRO B 133 15.10 -0.18 8.84
N THR B 134 14.96 1.14 8.76
CA THR B 134 13.65 1.71 8.43
C THR B 134 13.71 2.39 7.06
N HIS B 135 14.87 2.38 6.44
CA HIS B 135 15.06 3.02 5.14
C HIS B 135 14.09 2.61 4.03
N PHE B 136 14.03 1.30 3.74
CA PHE B 136 13.16 0.86 2.66
C PHE B 136 11.65 1.00 2.89
N ALA B 137 11.25 1.02 4.15
CA ALA B 137 9.83 1.24 4.47
C ALA B 137 9.54 2.66 3.96
N GLY B 138 10.48 3.57 4.20
CA GLY B 138 10.33 4.95 3.75
C GLY B 138 10.28 5.01 2.22
N VAL B 139 11.16 4.27 1.57
CA VAL B 139 11.20 4.23 0.10
C VAL B 139 9.91 3.66 -0.48
N LEU B 140 9.52 2.47 -0.03
CA LEU B 140 8.30 1.86 -0.55
C LEU B 140 7.05 2.68 -0.31
N THR B 141 6.95 3.32 0.85
CA THR B 141 5.77 4.15 1.16
C THR B 141 5.66 5.31 0.16
N VAL B 142 6.75 6.04 -0.05
CA VAL B 142 6.67 7.16 -0.98
C VAL B 142 6.49 6.71 -2.42
N VAL B 143 7.09 5.60 -2.79
CA VAL B 143 6.96 5.12 -4.16
C VAL B 143 5.51 4.68 -4.41
N LEU B 144 4.89 4.00 -3.45
CA LEU B 144 3.51 3.58 -3.62
C LEU B 144 2.64 4.83 -3.81
N LYS B 145 2.84 5.83 -2.97
CA LYS B 145 2.07 7.07 -3.09
C LYS B 145 2.30 7.74 -4.47
N LEU B 146 3.55 7.79 -4.91
CA LEU B 146 3.83 8.42 -6.22
C LEU B 146 3.12 7.64 -7.32
N LEU B 147 3.12 6.32 -7.20
CA LEU B 147 2.43 5.50 -8.21
C LEU B 147 0.92 5.75 -8.24
N GLN B 148 0.33 5.98 -7.08
CA GLN B 148 -1.12 6.21 -7.00
C GLN B 148 -1.50 7.60 -7.46
N ILE B 149 -0.60 8.56 -7.23
CA ILE B 149 -0.85 9.95 -7.63
C ILE B 149 -0.73 10.10 -9.16
N VAL B 150 0.38 9.60 -9.70
CA VAL B 150 0.70 9.71 -11.13
C VAL B 150 0.07 8.64 -12.01
N ARG B 151 -0.12 7.44 -11.47
CA ARG B 151 -0.72 6.34 -12.23
C ARG B 151 -0.01 6.13 -13.57
N PRO B 152 1.30 5.94 -13.52
CA PRO B 152 2.04 5.74 -14.76
C PRO B 152 1.90 4.34 -15.33
N ASP B 153 2.16 4.21 -16.62
CA ASP B 153 2.15 2.89 -17.29
C ASP B 153 3.44 2.17 -16.95
N ARG B 154 4.53 2.94 -16.86
CA ARG B 154 5.82 2.37 -16.51
C ARG B 154 6.54 3.30 -15.53
N VAL B 155 7.31 2.72 -14.62
CA VAL B 155 8.07 3.48 -13.66
C VAL B 155 9.53 3.02 -13.78
N PHE B 156 10.43 4.00 -13.77
CA PHE B 156 11.86 3.75 -14.00
C PHE B 156 12.74 3.92 -12.79
N PHE B 157 13.56 2.91 -12.53
CA PHE B 157 14.49 2.95 -11.38
C PHE B 157 15.86 2.50 -11.83
N GLY B 158 16.92 3.04 -11.20
CA GLY B 158 18.26 2.66 -11.59
C GLY B 158 18.70 1.35 -10.94
N GLU B 159 19.44 0.51 -11.68
CA GLU B 159 19.96 -0.73 -11.08
C GLU B 159 21.05 -0.41 -10.09
N LYS B 160 21.48 0.84 -10.03
CA LYS B 160 22.54 1.19 -9.08
C LYS B 160 22.07 0.82 -7.67
N ASP B 161 20.83 1.17 -7.34
CA ASP B 161 20.27 0.83 -6.03
C ASP B 161 19.44 -0.42 -6.30
N TYR B 162 20.17 -1.51 -6.49
CA TYR B 162 19.58 -2.79 -6.80
C TYR B 162 18.62 -3.35 -5.79
N GLN B 163 18.96 -3.30 -4.51
CA GLN B 163 18.09 -3.81 -3.47
C GLN B 163 16.80 -3.01 -3.42
N GLN B 164 16.92 -1.71 -3.65
CA GLN B 164 15.77 -0.83 -3.71
C GLN B 164 14.89 -1.28 -4.88
N LEU B 165 15.50 -1.53 -6.03
CA LEU B 165 14.77 -1.95 -7.22
C LEU B 165 14.00 -3.24 -6.98
N VAL B 166 14.68 -4.22 -6.40
CA VAL B 166 14.07 -5.53 -6.08
C VAL B 166 12.88 -5.40 -5.15
N LEU B 167 13.03 -4.57 -4.13
CA LEU B 167 11.97 -4.34 -3.16
C LEU B 167 10.80 -3.64 -3.81
N ILE B 168 11.05 -2.78 -4.79
CA ILE B 168 9.93 -2.14 -5.48
C ILE B 168 9.24 -3.20 -6.36
N ARG B 169 10.02 -4.09 -6.95
CA ARG B 169 9.39 -5.15 -7.71
C ARG B 169 8.50 -6.00 -6.78
N GLN B 170 8.91 -6.20 -5.52
CA GLN B 170 8.09 -6.97 -4.56
C GLN B 170 6.81 -6.20 -4.21
N LEU B 171 6.97 -4.89 -4.01
CA LEU B 171 5.83 -4.02 -3.70
C LEU B 171 4.79 -4.17 -4.83
N VAL B 172 5.23 -4.02 -6.07
CA VAL B 172 4.34 -4.14 -7.23
C VAL B 172 3.64 -5.50 -7.33
N ALA B 173 4.38 -6.58 -7.17
CA ALA B 173 3.75 -7.91 -7.19
C ALA B 173 2.79 -8.15 -6.00
N ASP B 174 3.25 -7.83 -4.80
CA ASP B 174 2.51 -8.07 -3.58
C ASP B 174 1.23 -7.28 -3.43
N PHE B 175 1.22 -6.06 -3.95
CA PHE B 175 0.03 -5.23 -3.87
C PHE B 175 -0.75 -5.22 -5.17
N ASN B 176 -0.37 -6.09 -6.11
CA ASN B 176 -1.09 -6.20 -7.38
C ASN B 176 -1.16 -4.89 -8.17
N LEU B 177 -0.06 -4.13 -8.14
CA LEU B 177 -0.01 -2.85 -8.82
C LEU B 177 0.07 -3.03 -10.34
N ASP B 178 -0.72 -2.26 -11.06
CA ASP B 178 -0.76 -2.36 -12.50
C ASP B 178 0.19 -1.32 -13.11
N VAL B 179 1.47 -1.59 -13.00
CA VAL B 179 2.51 -0.72 -13.55
C VAL B 179 3.68 -1.64 -13.87
N ALA B 180 4.40 -1.32 -14.96
CA ALA B 180 5.59 -2.10 -15.32
C ALA B 180 6.80 -1.39 -14.68
N VAL B 181 7.66 -2.15 -14.02
CA VAL B 181 8.85 -1.60 -13.37
C VAL B 181 10.01 -1.82 -14.33
N VAL B 182 10.71 -0.75 -14.69
CA VAL B 182 11.83 -0.87 -15.61
C VAL B 182 13.12 -0.52 -14.88
N GLY B 183 14.07 -1.46 -14.87
CA GLY B 183 15.35 -1.19 -14.25
C GLY B 183 16.30 -0.69 -15.32
N VAL B 184 17.07 0.37 -15.03
CA VAL B 184 17.97 0.95 -16.03
C VAL B 184 19.43 0.72 -15.58
N PRO B 185 20.27 0.18 -16.47
CA PRO B 185 21.67 -0.06 -16.07
C PRO B 185 22.37 1.15 -15.47
N THR B 186 23.24 0.84 -14.52
CA THR B 186 24.02 1.86 -13.83
C THR B 186 24.91 2.69 -14.76
N VAL B 187 24.87 4.00 -14.57
CA VAL B 187 25.69 4.90 -15.34
C VAL B 187 26.97 5.06 -14.49
N ARG B 188 28.12 4.94 -15.16
CA ARG B 188 29.43 4.99 -14.50
C ARG B 188 30.38 6.04 -15.06
N GLU B 189 31.28 6.50 -14.22
CA GLU B 189 32.31 7.45 -14.64
C GLU B 189 33.26 6.61 -15.56
N ALA B 190 34.19 7.28 -16.23
CA ALA B 190 35.12 6.63 -17.15
C ALA B 190 35.93 5.50 -16.55
N ASP B 191 36.23 5.58 -15.25
CA ASP B 191 36.99 4.49 -14.67
C ASP B 191 36.10 3.38 -14.06
N GLY B 192 34.77 3.51 -14.20
CA GLY B 192 33.85 2.50 -13.67
C GLY B 192 33.09 2.85 -12.40
N LEU B 193 33.48 3.92 -11.71
CA LEU B 193 32.78 4.29 -10.46
C LEU B 193 31.32 4.61 -10.75
N ALA B 194 30.42 3.98 -10.01
CA ALA B 194 28.99 4.23 -10.21
C ALA B 194 28.69 5.71 -9.89
N MET B 195 27.99 6.41 -10.79
CA MET B 195 27.71 7.83 -10.55
C MET B 195 26.76 7.99 -9.37
N SER B 196 27.07 8.98 -8.53
CA SER B 196 26.31 9.22 -7.32
C SER B 196 26.67 10.61 -6.80
N SER B 197 25.69 11.31 -6.24
CA SER B 197 25.93 12.64 -5.69
C SER B 197 27.02 12.60 -4.63
N ARG B 198 27.17 11.44 -3.97
CA ARG B 198 28.18 11.28 -2.92
C ARG B 198 29.64 11.24 -3.36
N ASN B 199 29.88 10.95 -4.64
CA ASN B 199 31.25 10.84 -5.09
C ASN B 199 32.06 12.13 -4.88
N ARG B 200 31.40 13.27 -4.92
CA ARG B 200 32.09 14.54 -4.77
C ARG B 200 32.68 14.73 -3.36
N TYR B 201 32.21 13.94 -2.41
CA TYR B 201 32.72 14.02 -1.05
C TYR B 201 34.07 13.33 -0.84
N LEU B 202 34.47 12.49 -1.81
CA LEU B 202 35.73 11.76 -1.73
C LEU B 202 36.94 12.65 -2.02
N ASP B 203 37.97 12.55 -1.18
CA ASP B 203 39.20 13.30 -1.41
C ASP B 203 39.95 12.53 -2.50
N PRO B 204 41.06 13.05 -3.04
CA PRO B 204 41.72 12.27 -4.10
C PRO B 204 42.13 10.82 -3.85
N ALA B 205 42.67 10.54 -2.67
CA ALA B 205 43.09 9.18 -2.34
C ALA B 205 41.86 8.27 -2.24
N GLN B 206 40.78 8.80 -1.70
CA GLN B 206 39.56 8.03 -1.56
C GLN B 206 38.93 7.79 -2.93
N ARG B 207 38.99 8.80 -3.79
CA ARG B 207 38.39 8.66 -5.11
C ARG B 207 39.12 7.64 -5.94
N ALA B 208 40.43 7.57 -5.77
CA ALA B 208 41.21 6.59 -6.54
C ALA B 208 40.95 5.19 -5.98
N ALA B 209 40.83 5.10 -4.66
CA ALA B 209 40.58 3.83 -4.02
C ALA B 209 39.17 3.30 -4.33
N ALA B 210 38.23 4.21 -4.51
CA ALA B 210 36.83 3.86 -4.78
C ALA B 210 36.64 3.10 -6.09
N VAL B 211 37.60 3.22 -7.01
CA VAL B 211 37.51 2.47 -8.28
C VAL B 211 37.51 0.96 -7.94
N ALA B 212 38.04 0.59 -6.76
CA ALA B 212 38.08 -0.83 -6.38
C ALA B 212 36.70 -1.51 -6.34
N LEU B 213 35.63 -0.77 -6.02
CA LEU B 213 34.32 -1.43 -5.97
C LEU B 213 33.88 -1.94 -7.34
N SER B 214 33.92 -1.07 -8.33
CA SER B 214 33.53 -1.51 -9.68
C SER B 214 34.54 -2.49 -10.28
N ALA B 215 35.82 -2.26 -10.03
CA ALA B 215 36.86 -3.17 -10.52
C ALA B 215 36.66 -4.57 -9.91
N ALA B 216 36.32 -4.62 -8.64
CA ALA B 216 36.11 -5.90 -7.95
C ALA B 216 34.89 -6.65 -8.55
N LEU B 217 33.85 -5.90 -8.83
CA LEU B 217 32.63 -6.49 -9.39
C LEU B 217 32.84 -6.99 -10.81
N THR B 218 33.50 -6.19 -11.65
CA THR B 218 33.72 -6.63 -13.02
C THR B 218 34.69 -7.81 -13.06
N ALA B 219 35.70 -7.81 -12.19
CA ALA B 219 36.66 -8.94 -12.16
C ALA B 219 35.86 -10.19 -11.79
N ALA B 220 35.01 -10.04 -10.78
CA ALA B 220 34.17 -11.15 -10.32
C ALA B 220 33.29 -11.67 -11.45
N ALA B 221 32.70 -10.78 -12.23
CA ALA B 221 31.82 -11.18 -13.33
C ALA B 221 32.54 -12.10 -14.32
N HIS B 222 33.81 -11.79 -14.60
CA HIS B 222 34.59 -12.58 -15.52
C HIS B 222 35.24 -13.80 -14.88
N ALA B 223 35.53 -13.72 -13.57
CA ALA B 223 36.11 -14.86 -12.87
C ALA B 223 35.02 -15.94 -12.71
N ALA B 224 33.74 -15.54 -12.82
CA ALA B 224 32.60 -16.45 -12.61
C ALA B 224 32.51 -17.73 -13.45
N THR B 225 33.21 -17.75 -14.58
CA THR B 225 33.24 -18.98 -15.40
C THR B 225 33.87 -20.08 -14.56
N ALA B 226 34.63 -19.69 -13.55
CA ALA B 226 35.30 -20.65 -12.69
C ALA B 226 34.49 -21.02 -11.44
N GLY B 227 33.28 -20.47 -11.32
CA GLY B 227 32.45 -20.80 -10.17
C GLY B 227 32.18 -19.64 -9.23
N ALA B 228 31.23 -19.84 -8.32
CA ALA B 228 30.83 -18.82 -7.35
C ALA B 228 31.98 -18.42 -6.43
N GLN B 229 32.70 -19.40 -5.92
CA GLN B 229 33.78 -19.07 -5.01
C GLN B 229 34.87 -18.28 -5.71
N ALA B 230 35.19 -18.63 -6.95
CA ALA B 230 36.23 -17.90 -7.68
C ALA B 230 35.85 -16.44 -7.86
N ALA B 231 34.58 -16.21 -8.16
CA ALA B 231 34.09 -14.85 -8.39
C ALA B 231 34.19 -14.05 -7.09
N LEU B 232 33.79 -14.65 -5.99
CA LEU B 232 33.87 -13.96 -4.71
C LEU B 232 35.30 -13.66 -4.30
N ASP B 233 36.19 -14.64 -4.45
CA ASP B 233 37.58 -14.45 -4.03
C ASP B 233 38.24 -13.40 -4.89
N ALA B 234 37.91 -13.37 -6.18
CA ALA B 234 38.48 -12.36 -7.09
C ALA B 234 38.02 -10.95 -6.63
N ALA B 235 36.72 -10.78 -6.37
CA ALA B 235 36.26 -9.47 -5.94
C ALA B 235 36.90 -9.08 -4.60
N ARG B 236 36.99 -10.03 -3.69
CA ARG B 236 37.63 -9.74 -2.41
C ARG B 236 39.09 -9.32 -2.57
N ALA B 237 39.83 -9.97 -3.46
CA ALA B 237 41.24 -9.64 -3.66
C ALA B 237 41.40 -8.18 -4.16
N VAL B 238 40.50 -7.75 -5.05
CA VAL B 238 40.57 -6.39 -5.57
C VAL B 238 40.27 -5.37 -4.46
N LEU B 239 39.23 -5.62 -3.66
CA LEU B 239 38.89 -4.74 -2.53
C LEU B 239 40.08 -4.72 -1.57
N ASP B 240 40.68 -5.89 -1.33
CA ASP B 240 41.87 -5.98 -0.45
C ASP B 240 43.08 -5.22 -0.96
N ALA B 241 43.09 -4.86 -2.25
CA ALA B 241 44.25 -4.14 -2.80
C ALA B 241 44.10 -2.64 -2.66
N ALA B 242 42.99 -2.19 -2.05
CA ALA B 242 42.76 -0.75 -1.93
C ALA B 242 42.86 -0.28 -0.47
N PRO B 243 43.47 0.89 -0.24
CA PRO B 243 43.59 1.39 1.14
C PRO B 243 42.33 2.23 1.53
N GLY B 244 42.04 2.29 2.83
CA GLY B 244 40.90 3.05 3.34
C GLY B 244 39.52 2.65 2.82
N VAL B 245 39.31 1.39 2.46
CA VAL B 245 38.00 0.96 1.97
C VAL B 245 37.46 -0.09 2.94
N ALA B 246 36.58 0.34 3.85
CA ALA B 246 36.00 -0.56 4.86
C ALA B 246 34.78 -1.26 4.29
N VAL B 247 34.95 -2.52 3.88
CA VAL B 247 33.84 -3.26 3.29
C VAL B 247 32.79 -3.66 4.32
N ASP B 248 31.55 -3.24 4.10
CA ASP B 248 30.49 -3.63 5.04
C ASP B 248 29.92 -4.96 4.60
N TYR B 249 29.81 -5.18 3.30
CA TYR B 249 29.35 -6.48 2.83
C TYR B 249 29.74 -6.71 1.38
N LEU B 250 29.86 -7.98 1.01
CA LEU B 250 30.16 -8.38 -0.35
C LEU B 250 29.39 -9.69 -0.43
N GLU B 251 28.26 -9.68 -1.12
CA GLU B 251 27.43 -10.87 -1.18
C GLU B 251 26.95 -11.21 -2.57
N LEU B 252 26.98 -12.50 -2.90
CA LEU B 252 26.47 -13.00 -4.18
C LEU B 252 25.07 -13.62 -3.84
N ARG B 253 24.04 -13.18 -4.53
CA ARG B 253 22.67 -13.65 -4.29
C ARG B 253 22.01 -13.96 -5.63
N ASP B 254 20.79 -14.52 -5.63
CA ASP B 254 20.17 -14.76 -6.92
C ASP B 254 19.62 -13.40 -7.36
N ILE B 255 19.03 -13.30 -8.55
CA ILE B 255 18.60 -11.98 -9.00
C ILE B 255 17.48 -11.31 -8.19
N GLY B 256 16.76 -12.09 -7.38
CA GLY B 256 15.70 -11.52 -6.56
C GLY B 256 16.21 -11.29 -5.15
N LEU B 257 17.52 -11.45 -4.98
CA LEU B 257 18.27 -11.29 -3.75
C LEU B 257 18.03 -12.41 -2.72
N GLY B 258 17.62 -13.55 -3.25
CA GLY B 258 17.45 -14.70 -2.38
C GLY B 258 18.81 -15.38 -2.36
N PRO B 259 18.90 -16.60 -1.81
CA PRO B 259 20.17 -17.35 -1.74
C PRO B 259 20.64 -17.60 -3.17
N MET B 260 21.94 -17.41 -3.38
CA MET B 260 22.51 -17.60 -4.69
C MET B 260 22.83 -19.06 -4.99
N PRO B 261 22.44 -19.53 -6.18
CA PRO B 261 22.71 -20.91 -6.56
C PRO B 261 24.20 -21.01 -6.90
N LEU B 262 24.72 -22.22 -6.94
CA LEU B 262 26.12 -22.40 -7.29
C LEU B 262 26.25 -22.44 -8.80
N ASN B 263 25.15 -22.11 -9.49
CA ASN B 263 25.09 -22.05 -10.95
C ASN B 263 23.88 -21.23 -11.44
N GLY B 264 24.05 -20.51 -12.54
CA GLY B 264 22.96 -19.70 -13.06
C GLY B 264 23.16 -18.21 -12.84
N SER B 265 22.10 -17.43 -13.03
CA SER B 265 22.17 -15.98 -12.88
C SER B 265 22.09 -15.49 -11.44
N GLY B 266 22.86 -14.46 -11.13
CA GLY B 266 22.85 -13.89 -9.80
C GLY B 266 23.26 -12.44 -9.82
N ARG B 267 23.41 -11.85 -8.64
CA ARG B 267 23.82 -10.46 -8.51
C ARG B 267 24.86 -10.40 -7.39
N LEU B 268 25.95 -9.68 -7.64
CA LEU B 268 26.99 -9.55 -6.62
C LEU B 268 26.86 -8.09 -6.17
N LEU B 269 26.71 -7.90 -4.87
CA LEU B 269 26.53 -6.58 -4.29
C LEU B 269 27.62 -6.25 -3.27
N VAL B 270 28.05 -5.00 -3.27
CA VAL B 270 29.06 -4.61 -2.33
C VAL B 270 28.72 -3.22 -1.75
N ALA B 271 29.15 -2.98 -0.51
CA ALA B 271 29.00 -1.69 0.16
C ALA B 271 30.25 -1.45 0.97
N ALA B 272 30.78 -0.24 0.92
CA ALA B 272 31.99 0.07 1.68
C ALA B 272 32.02 1.53 2.12
N ARG B 273 32.73 1.78 3.20
CA ARG B 273 32.85 3.12 3.72
C ARG B 273 34.25 3.64 3.45
N LEU B 274 34.34 4.83 2.87
CA LEU B 274 35.62 5.49 2.60
C LEU B 274 35.56 6.79 3.38
N GLY B 275 36.21 6.80 4.54
CA GLY B 275 36.17 7.98 5.38
C GLY B 275 34.74 7.99 5.93
N THR B 276 34.00 9.06 5.70
CA THR B 276 32.63 9.15 6.16
C THR B 276 31.62 8.92 5.02
N THR B 277 32.09 8.47 3.88
CA THR B 277 31.18 8.29 2.71
C THR B 277 30.92 6.81 2.43
N ARG B 278 29.64 6.45 2.33
CA ARG B 278 29.25 5.08 2.05
C ARG B 278 28.95 4.93 0.56
N LEU B 279 29.65 4.02 -0.09
CA LEU B 279 29.46 3.76 -1.52
C LEU B 279 28.90 2.36 -1.74
N LEU B 280 28.09 2.21 -2.78
CA LEU B 280 27.48 0.92 -3.08
C LEU B 280 27.67 0.62 -4.58
N ASP B 281 27.68 -0.66 -4.91
CA ASP B 281 27.72 -1.02 -6.34
C ASP B 281 27.21 -2.46 -6.40
N ASN B 282 26.86 -2.90 -7.61
CA ASN B 282 26.39 -4.27 -7.78
C ASN B 282 26.49 -4.59 -9.26
N ILE B 283 26.52 -5.88 -9.58
CA ILE B 283 26.63 -6.28 -10.96
C ILE B 283 25.97 -7.62 -11.21
N ALA B 284 25.53 -7.84 -12.45
CA ALA B 284 24.94 -9.12 -12.86
C ALA B 284 26.08 -10.10 -12.87
N ILE B 285 25.83 -11.34 -12.46
CA ILE B 285 26.83 -12.41 -12.47
C ILE B 285 26.19 -13.66 -13.08
N GLU B 286 26.91 -14.33 -13.99
CA GLU B 286 26.43 -15.60 -14.56
C GLU B 286 27.43 -16.64 -14.06
N ILE B 287 26.95 -17.61 -13.29
CA ILE B 287 27.84 -18.62 -12.72
C ILE B 287 28.08 -19.84 -13.57
N GLY B 288 29.35 -20.08 -13.92
CA GLY B 288 29.70 -21.22 -14.73
C GLY B 288 29.65 -20.87 -16.20
S SO4 C . -24.62 9.44 -7.45
O1 SO4 C . -25.89 9.29 -8.20
O2 SO4 C . -24.76 10.53 -6.47
O3 SO4 C . -24.33 8.18 -6.72
O4 SO4 C . -23.53 9.75 -8.39
S SO4 D . -20.45 -9.44 9.20
O1 SO4 D . -19.77 -9.58 10.50
O2 SO4 D . -21.52 -8.44 9.31
O3 SO4 D . -19.46 -9.04 8.18
O4 SO4 D . -21.03 -10.73 8.80
O1 PAF E . -15.25 -6.63 7.00
C1 PAF E . -14.93 -7.66 6.27
O2 PAF E . -15.79 -8.43 5.81
C2 PAF E . -13.42 -7.88 5.94
O3 PAF E . -12.63 -7.34 7.06
C3 PAF E . -13.00 -7.16 4.58
C4 PAF E . -13.79 -7.71 3.40
C5 PAF E . -13.20 -5.65 4.68
C6 PAF E . -11.50 -7.48 4.38
O4 PAF E . -11.29 -8.89 4.30
N BAL F . -1.77 -14.45 -8.08
CB BAL F . -0.94 -13.30 -8.39
CA BAL F . 0.55 -13.63 -8.25
C BAL F . 1.46 -12.38 -8.31
O BAL F . 2.52 -12.29 -7.65
OXT BAL F . 1.16 -11.44 -9.04
C1 GOL G . 1.37 -10.21 0.72
O1 GOL G . 2.70 -9.81 1.06
C2 GOL G . 1.32 -10.37 -0.84
O2 GOL G . -0.04 -10.64 -1.20
C3 GOL G . 2.30 -11.49 -1.43
O3 GOL G . 1.83 -12.84 -1.07
C1 GOL H . -21.38 -17.01 -15.80
O1 GOL H . -22.79 -16.94 -15.53
C2 GOL H . -20.82 -18.23 -15.02
O2 GOL H . -19.91 -17.75 -13.94
C3 GOL H . -19.98 -19.11 -16.00
O3 GOL H . -20.93 -19.85 -16.82
S SO4 I . 9.13 -0.49 -25.87
O1 SO4 I . 9.59 0.10 -27.15
O2 SO4 I . 9.80 0.18 -24.74
O3 SO4 I . 7.68 -0.32 -25.75
O4 SO4 I . 9.47 -1.94 -25.82
O1 PAF J . 16.45 6.28 -5.31
C1 PAF J . 15.88 7.46 -5.02
O2 PAF J . 16.17 8.52 -5.64
C2 PAF J . 14.78 7.47 -3.89
O3 PAF J . 15.01 6.35 -3.01
C3 PAF J . 13.32 7.40 -4.55
C4 PAF J . 13.11 8.64 -5.47
C5 PAF J . 13.15 6.10 -5.34
C6 PAF J . 12.32 7.43 -3.41
O4 PAF J . 12.39 8.61 -2.60
N BAL K . 19.94 1.95 -1.79
CB BAL K . 20.73 2.88 -0.97
CA BAL K . 20.62 2.57 0.53
C BAL K . 21.17 3.69 1.41
O BAL K . 21.93 3.44 2.35
OXT BAL K . 20.87 4.88 1.22
C1 GOL L . 20.65 4.00 -13.81
O1 GOL L . 21.00 2.84 -12.96
C2 GOL L . 21.36 5.25 -13.20
O2 GOL L . 22.78 4.93 -12.76
C3 GOL L . 20.54 5.73 -12.00
O3 GOL L . 21.33 6.75 -11.33
C1 EOH M . -2.97 -6.88 -11.30
C2 EOH M . -3.81 -8.10 -11.21
O EOH M . -3.64 -5.66 -10.91
C1 EOH N . 9.01 21.61 0.93
C2 EOH N . 9.89 21.13 -0.15
O EOH N . 8.86 20.71 2.04
C1 EOH O . -5.24 11.33 -5.93
C2 EOH O . -4.29 12.23 -5.24
O EOH O . -4.66 10.10 -6.44
C1 EOH P . 39.77 6.76 4.15
C2 EOH P . 39.14 6.39 2.88
O EOH P . 39.96 8.15 4.32
C1 EOH Q . 27.49 -10.38 -16.40
C2 EOH Q . 26.37 -10.39 -17.36
O EOH Q . 27.79 -9.09 -15.84
#